data_1RCV
#
_entry.id   1RCV
#
_cell.length_a   101.829
_cell.length_b   66.133
_cell.length_c   77.771
_cell.angle_alpha   90.00
_cell.angle_beta   105.62
_cell.angle_gamma   90.00
#
_symmetry.space_group_name_H-M   'C 1 2 1'
#
loop_
_entity.id
_entity.type
_entity.pdbx_description
1 polymer 'cholera toxin B protein (CTB)'
2 non-polymer '[3-(4-{3-[3-NITRO-5-(GALACTOPYRANOSYLOXY)-BENZOYLAMINO]-PROPYL}-PIPERAZIN-1-YL)-PROPYLAMINO] -2-(3-{4-[3-(3-NITRO-5-[GALACTOPYRANOSYLOXY]-BENZOYLAMINO)-PROPYL]-PIPERAZIN-1-YL} -PROPYL-AMINO)-3,4-DIOXO-CYCLOBUTENE'
3 water water
#
_entity_poly.entity_id   1
_entity_poly.type   'polypeptide(L)'
_entity_poly.pdbx_seq_one_letter_code
;TPQNITDLCAEYHNTQIHTLNDKIFSYTESLAGKREMAIITFKNGATFQVEVPGSQHIDSQKKAIERMKDTLRIAYLTEA
KVEKLCVWNNKTPHAIAAISMAN
;
_entity_poly.pdbx_strand_id   D,E,F,G,H
#
# COMPACT_ATOMS: atom_id res chain seq x y z
N THR A 1 -27.46 9.59 6.52
CA THR A 1 -26.57 8.48 6.06
C THR A 1 -26.30 8.62 4.56
N PRO A 2 -25.44 9.57 4.20
CA PRO A 2 -25.47 10.13 2.84
C PRO A 2 -25.10 9.14 1.73
N GLN A 3 -25.66 9.37 0.55
CA GLN A 3 -25.48 8.43 -0.57
C GLN A 3 -24.52 9.01 -1.59
N ASN A 4 -24.07 10.24 -1.39
CA ASN A 4 -23.12 10.82 -2.32
C ASN A 4 -22.36 11.96 -1.65
N ILE A 5 -21.32 12.40 -2.33
CA ILE A 5 -20.46 13.43 -1.78
C ILE A 5 -21.18 14.75 -1.55
N THR A 6 -22.16 15.10 -2.38
CA THR A 6 -22.86 16.39 -2.23
C THR A 6 -23.69 16.42 -0.95
N ASP A 7 -24.40 15.34 -0.70
CA ASP A 7 -25.19 15.21 0.52
C ASP A 7 -24.28 15.09 1.78
N LEU A 8 -23.13 14.44 1.64
CA LEU A 8 -22.18 14.38 2.74
C LEU A 8 -21.63 15.78 3.04
N CYS A 9 -21.23 16.50 2.00
CA CYS A 9 -20.65 17.82 2.16
C CYS A 9 -21.62 18.77 2.89
N ALA A 10 -22.90 18.59 2.61
CA ALA A 10 -23.94 19.48 3.13
C ALA A 10 -24.20 19.30 4.63
N GLU A 11 -23.63 18.26 5.23
CA GLU A 11 -23.78 18.02 6.68
C GLU A 11 -22.82 18.87 7.52
N TYR A 12 -21.89 19.56 6.88
CA TYR A 12 -20.86 20.31 7.61
C TYR A 12 -20.97 21.81 7.38
N HIS A 13 -20.47 22.57 8.34
CA HIS A 13 -20.39 24.03 8.26
C HIS A 13 -19.16 24.39 7.48
N ASN A 14 -19.20 25.52 6.78
CA ASN A 14 -18.04 26.07 6.07
C ASN A 14 -17.50 25.12 4.97
N THR A 15 -18.39 24.39 4.30
CA THR A 15 -17.94 23.55 3.18
C THR A 15 -18.59 23.94 1.87
N GLN A 16 -17.99 23.45 0.79
CA GLN A 16 -18.58 23.61 -0.51
C GLN A 16 -18.04 22.55 -1.42
N ILE A 17 -18.79 22.26 -2.49
CA ILE A 17 -18.39 21.35 -3.54
C ILE A 17 -17.71 22.13 -4.65
N HIS A 18 -16.56 21.62 -5.09
CA HIS A 18 -15.94 22.01 -6.34
C HIS A 18 -16.07 20.83 -7.30
N THR A 19 -16.51 21.09 -8.52
CA THR A 19 -16.61 20.06 -9.55
C THR A 19 -15.44 20.25 -10.50
N LEU A 20 -14.62 19.20 -10.60
CA LEU A 20 -13.40 19.26 -11.40
C LEU A 20 -13.56 18.50 -12.72
N ASN A 21 -14.07 17.28 -12.67
CA ASN A 21 -14.12 16.39 -13.82
C ASN A 21 -12.84 16.42 -14.62
N ASP A 22 -11.73 16.24 -13.92
CA ASP A 22 -10.40 16.32 -14.50
C ASP A 22 -9.42 15.56 -13.67
N LYS A 23 -8.34 15.08 -14.30
CA LYS A 23 -7.22 14.54 -13.57
C LYS A 23 -6.44 15.59 -12.81
N ILE A 24 -5.70 15.13 -11.82
CA ILE A 24 -4.88 16.00 -11.00
C ILE A 24 -3.70 16.49 -11.84
N PHE A 25 -3.43 17.79 -11.77
CA PHE A 25 -2.33 18.37 -12.53
C PHE A 25 -0.99 18.22 -11.85
N SER A 26 -0.96 18.44 -10.54
CA SER A 26 0.26 18.24 -9.78
C SER A 26 -0.05 17.72 -8.41
N TYR A 27 0.90 16.94 -7.89
CA TYR A 27 0.79 16.33 -6.56
C TYR A 27 2.06 16.67 -5.77
N THR A 28 1.87 17.28 -4.59
CA THR A 28 2.99 17.70 -3.74
C THR A 28 2.84 17.14 -2.33
N GLU A 29 3.94 16.67 -1.77
CA GLU A 29 3.86 16.09 -0.47
C GLU A 29 5.09 16.52 0.34
N SER A 30 4.88 16.80 1.62
CA SER A 30 5.95 17.31 2.45
C SER A 30 6.08 16.51 3.76
N LEU A 31 7.32 16.28 4.20
CA LEU A 31 7.58 15.70 5.52
C LEU A 31 8.22 16.68 6.47
N ALA A 32 8.25 17.96 6.10
CA ALA A 32 8.85 18.95 6.95
C ALA A 32 7.95 19.20 8.17
N GLY A 33 8.59 19.51 9.30
CA GLY A 33 7.96 19.60 10.60
C GLY A 33 6.90 20.69 10.61
N LYS A 34 5.69 20.30 11.03
CA LYS A 34 4.53 21.19 11.11
C LYS A 34 3.94 21.47 9.73
N ARG A 35 4.47 20.83 8.68
CA ARG A 35 3.92 20.94 7.34
C ARG A 35 3.85 19.57 6.68
N GLU A 36 3.42 18.59 7.47
CA GLU A 36 3.26 17.22 6.98
C GLU A 36 1.89 17.16 6.29
N MET A 37 1.89 17.47 5.00
CA MET A 37 0.67 17.75 4.27
C MET A 37 0.84 17.39 2.80
N ALA A 38 -0.25 17.45 2.05
CA ALA A 38 -0.25 17.26 0.60
C ALA A 38 -0.96 18.46 -0.02
N ILE A 39 -0.55 18.81 -1.24
CA ILE A 39 -1.19 19.88 -1.99
C ILE A 39 -1.41 19.34 -3.39
N ILE A 40 -2.61 19.52 -3.92
CA ILE A 40 -2.87 19.16 -5.30
C ILE A 40 -3.36 20.36 -6.08
N THR A 41 -3.09 20.36 -7.40
CA THR A 41 -3.65 21.38 -8.27
C THR A 41 -4.25 20.74 -9.50
N PHE A 42 -5.09 21.52 -10.14
CA PHE A 42 -5.71 21.15 -11.42
C PHE A 42 -5.32 22.18 -12.47
N LYS A 43 -5.45 21.82 -13.74
CA LYS A 43 -4.95 22.68 -14.80
C LYS A 43 -5.75 23.98 -14.86
N ASN A 44 -6.94 24.01 -14.26
CA ASN A 44 -7.69 25.26 -14.16
C ASN A 44 -7.15 26.27 -13.13
N GLY A 45 -6.07 25.90 -12.47
CA GLY A 45 -5.42 26.77 -11.50
C GLY A 45 -5.82 26.54 -10.06
N ALA A 46 -6.81 25.67 -9.82
CA ALA A 46 -7.29 25.41 -8.47
C ALA A 46 -6.27 24.62 -7.64
N THR A 47 -6.10 25.05 -6.40
CA THR A 47 -5.20 24.42 -5.47
C THR A 47 -5.96 23.98 -4.21
N PHE A 48 -5.68 22.75 -3.73
CA PHE A 48 -6.30 22.21 -2.53
C PHE A 48 -5.26 21.54 -1.63
N GLN A 49 -5.55 21.50 -0.35
CA GLN A 49 -4.64 20.85 0.62
C GLN A 49 -5.34 19.71 1.36
N VAL A 50 -4.54 18.75 1.79
CA VAL A 50 -4.93 17.88 2.89
C VAL A 50 -4.18 18.48 4.06
N GLU A 51 -4.91 18.99 5.06
CA GLU A 51 -4.30 19.68 6.18
C GLU A 51 -3.40 18.79 7.01
N VAL A 52 -2.46 19.44 7.67
CA VAL A 52 -1.64 18.81 8.69
C VAL A 52 -2.60 18.39 9.78
N PRO A 53 -2.48 17.17 10.28
CA PRO A 53 -3.33 16.74 11.40
C PRO A 53 -3.18 17.67 12.60
N GLY A 54 -4.30 18.09 13.18
CA GLY A 54 -4.28 19.05 14.26
C GLY A 54 -5.44 18.87 15.23
N SER A 55 -5.56 19.79 16.18
CA SER A 55 -6.60 19.77 17.21
C SER A 55 -8.02 19.84 16.65
N GLN A 56 -8.13 20.32 15.40
CA GLN A 56 -9.40 20.39 14.68
C GLN A 56 -9.90 19.02 14.24
N HIS A 57 -9.05 18.01 14.37
CA HIS A 57 -9.40 16.67 13.91
C HIS A 57 -9.60 15.74 15.10
N ILE A 58 -10.69 14.98 15.08
CA ILE A 58 -10.92 13.99 16.15
C ILE A 58 -10.16 12.72 15.79
N ASP A 59 -10.06 11.79 16.73
CA ASP A 59 -9.18 10.64 16.55
C ASP A 59 -9.44 9.88 15.26
N SER A 60 -10.72 9.67 14.96
CA SER A 60 -11.13 8.84 13.84
C SER A 60 -10.77 9.47 12.48
N GLN A 61 -10.55 10.79 12.48
CA GLN A 61 -10.15 11.46 11.26
C GLN A 61 -8.68 11.23 10.94
N LYS A 62 -7.85 10.96 11.94
CA LYS A 62 -6.41 10.84 11.73
C LYS A 62 -6.09 9.72 10.74
N LYS A 63 -6.69 8.56 10.93
CA LYS A 63 -6.54 7.47 9.97
C LYS A 63 -7.07 7.84 8.59
N ALA A 64 -8.17 8.56 8.54
CA ALA A 64 -8.75 8.92 7.25
C ALA A 64 -7.94 9.97 6.50
N ILE A 65 -7.22 10.82 7.23
CA ILE A 65 -6.29 11.80 6.62
C ILE A 65 -5.15 11.10 5.89
N GLU A 66 -4.61 10.05 6.49
CA GLU A 66 -3.55 9.26 5.88
C GLU A 66 -4.07 8.58 4.60
N ARG A 67 -5.27 8.02 4.69
CA ARG A 67 -5.90 7.41 3.55
C ARG A 67 -6.09 8.37 2.39
N MET A 68 -6.53 9.58 2.68
CA MET A 68 -6.77 10.56 1.62
C MET A 68 -5.50 10.92 0.86
N LYS A 69 -4.38 11.04 1.58
CA LYS A 69 -3.13 11.35 0.91
C LYS A 69 -2.73 10.15 0.07
N ASP A 70 -2.99 8.94 0.56
CA ASP A 70 -2.75 7.73 -0.27
C ASP A 70 -3.63 7.82 -1.50
N THR A 71 -4.89 8.19 -1.34
CA THR A 71 -5.82 8.25 -2.48
C THR A 71 -5.39 9.27 -3.51
N LEU A 72 -5.01 10.45 -3.05
CA LEU A 72 -4.59 11.49 -4.00
C LEU A 72 -3.33 11.10 -4.79
N ARG A 73 -2.38 10.46 -4.12
CA ARG A 73 -1.16 10.06 -4.75
C ARG A 73 -1.45 9.08 -5.88
N ILE A 74 -2.24 8.06 -5.60
CA ILE A 74 -2.50 7.07 -6.60
C ILE A 74 -3.45 7.56 -7.69
N ALA A 75 -4.40 8.40 -7.31
CA ALA A 75 -5.21 9.11 -8.29
C ALA A 75 -4.32 9.89 -9.23
N TYR A 76 -3.36 10.61 -8.68
CA TYR A 76 -2.46 11.38 -9.53
C TYR A 76 -1.70 10.49 -10.50
N LEU A 77 -1.10 9.40 -10.00
CA LEU A 77 -0.24 8.56 -10.82
C LEU A 77 -0.96 7.77 -11.87
N THR A 78 -2.24 7.47 -11.65
CA THR A 78 -3.04 6.72 -12.63
C THR A 78 -3.83 7.66 -13.55
N GLU A 79 -3.66 8.98 -13.37
CA GLU A 79 -4.42 10.00 -14.11
C GLU A 79 -5.94 9.78 -14.01
N ALA A 80 -6.39 9.30 -12.87
CA ALA A 80 -7.82 9.15 -12.63
C ALA A 80 -8.55 10.50 -12.61
N LYS A 81 -9.69 10.56 -13.28
CA LYS A 81 -10.56 11.74 -13.22
C LYS A 81 -11.12 11.94 -11.82
N VAL A 82 -10.93 13.13 -11.27
CA VAL A 82 -11.58 13.56 -10.03
C VAL A 82 -12.88 14.22 -10.45
N GLU A 83 -14.01 13.72 -9.93
CA GLU A 83 -15.31 14.30 -10.21
C GLU A 83 -15.48 15.55 -9.37
N LYS A 84 -15.64 15.37 -8.07
CA LYS A 84 -15.86 16.48 -7.13
C LYS A 84 -14.96 16.40 -5.88
N LEU A 85 -14.69 17.57 -5.29
CA LEU A 85 -14.10 17.66 -3.96
C LEU A 85 -15.08 18.39 -3.06
N CYS A 86 -15.28 17.87 -1.86
CA CYS A 86 -15.90 18.61 -0.79
C CYS A 86 -14.77 19.23 0.02
N VAL A 87 -14.79 20.56 0.18
CA VAL A 87 -13.72 21.24 0.88
C VAL A 87 -14.25 22.19 1.94
N TRP A 88 -13.43 22.41 2.96
CA TRP A 88 -13.66 23.48 3.92
C TRP A 88 -13.11 24.75 3.32
N ASN A 89 -13.93 25.80 3.33
CA ASN A 89 -13.56 27.05 2.66
C ASN A 89 -13.08 28.09 3.65
N ASN A 90 -12.92 27.70 4.92
CA ASN A 90 -12.33 28.56 5.94
C ASN A 90 -10.82 28.29 6.12
N LYS A 91 -10.22 27.68 5.11
CA LYS A 91 -8.77 27.47 5.06
C LYS A 91 -8.27 27.83 3.66
N THR A 92 -7.02 28.24 3.57
CA THR A 92 -6.38 28.49 2.28
C THR A 92 -5.05 27.72 2.25
N PRO A 93 -4.79 26.89 1.24
CA PRO A 93 -5.76 26.45 0.23
C PRO A 93 -6.98 25.78 0.87
N HIS A 94 -8.11 25.72 0.16
CA HIS A 94 -9.26 25.03 0.72
C HIS A 94 -8.88 23.60 1.07
N ALA A 95 -9.40 23.11 2.18
CA ALA A 95 -8.97 21.85 2.75
C ALA A 95 -9.92 20.73 2.37
N ILE A 96 -9.39 19.63 1.87
CA ILE A 96 -10.20 18.52 1.43
C ILE A 96 -10.86 17.75 2.56
N ALA A 97 -12.18 17.59 2.45
CA ALA A 97 -12.96 16.77 3.36
C ALA A 97 -13.36 15.47 2.69
N ALA A 98 -13.57 15.48 1.37
CA ALA A 98 -14.01 14.28 0.64
C ALA A 98 -13.68 14.42 -0.84
N ILE A 99 -13.57 13.28 -1.49
CA ILE A 99 -13.30 13.19 -2.92
C ILE A 99 -14.23 12.20 -3.54
N SER A 100 -14.64 12.48 -4.78
CA SER A 100 -15.36 11.49 -5.58
C SER A 100 -14.63 11.38 -6.89
N MET A 101 -14.53 10.15 -7.37
CA MET A 101 -13.84 9.83 -8.61
C MET A 101 -14.85 9.12 -9.51
N ALA A 102 -14.99 9.59 -10.75
CA ALA A 102 -15.90 9.00 -11.70
C ALA A 102 -15.40 9.39 -13.09
N ASN A 103 -15.63 8.49 -14.04
CA ASN A 103 -15.18 8.57 -15.44
C ASN A 103 -13.66 8.56 -15.53
N THR B 1 -16.21 -23.58 7.79
CA THR B 1 -15.51 -22.42 7.11
C THR B 1 -15.88 -22.23 5.63
N PRO B 2 -16.49 -21.10 5.28
CA PRO B 2 -17.18 -20.99 4.00
C PRO B 2 -16.24 -20.98 2.82
N GLN B 3 -16.73 -21.54 1.72
CA GLN B 3 -15.94 -21.71 0.51
C GLN B 3 -16.18 -20.60 -0.49
N ASN B 4 -17.23 -19.81 -0.28
CA ASN B 4 -17.56 -18.71 -1.19
C ASN B 4 -18.36 -17.62 -0.47
N ILE B 5 -18.51 -16.49 -1.13
CA ILE B 5 -19.17 -15.33 -0.55
C ILE B 5 -20.63 -15.59 -0.22
N THR B 6 -21.31 -16.43 -1.01
CA THR B 6 -22.74 -16.67 -0.78
C THR B 6 -22.95 -17.44 0.51
N ASP B 7 -22.13 -18.45 0.74
CA ASP B 7 -22.23 -19.24 1.97
C ASP B 7 -21.81 -18.39 3.19
N LEU B 8 -20.78 -17.57 3.01
CA LEU B 8 -20.32 -16.65 4.05
C LEU B 8 -21.48 -15.72 4.41
N CYS B 9 -22.08 -15.12 3.40
CA CYS B 9 -23.15 -14.14 3.62
C CYS B 9 -24.32 -14.74 4.41
N ALA B 10 -24.65 -15.98 4.10
CA ALA B 10 -25.76 -16.67 4.75
C ALA B 10 -25.55 -16.99 6.24
N GLU B 11 -24.33 -16.81 6.75
CA GLU B 11 -24.04 -17.05 8.18
C GLU B 11 -24.51 -15.91 9.06
N TYR B 12 -24.89 -14.80 8.45
CA TYR B 12 -25.28 -13.60 9.18
C TYR B 12 -26.75 -13.22 8.96
N HIS B 13 -27.36 -12.62 9.97
CA HIS B 13 -28.67 -12.01 9.79
C HIS B 13 -28.56 -10.64 9.11
N ASN B 14 -29.66 -10.23 8.47
CA ASN B 14 -29.82 -8.92 7.86
C ASN B 14 -28.85 -8.73 6.72
N THR B 15 -28.52 -9.82 6.03
CA THR B 15 -27.66 -9.70 4.86
C THR B 15 -28.29 -10.20 3.59
N GLN B 16 -27.72 -9.75 2.48
CA GLN B 16 -28.07 -10.29 1.17
C GLN B 16 -26.92 -10.16 0.18
N ILE B 17 -26.97 -10.99 -0.86
CA ILE B 17 -26.05 -10.89 -1.97
C ILE B 17 -26.65 -9.99 -3.07
N HIS B 18 -25.85 -9.03 -3.55
CA HIS B 18 -26.13 -8.30 -4.76
C HIS B 18 -25.10 -8.82 -5.77
N THR B 19 -25.58 -9.23 -6.95
CA THR B 19 -24.70 -9.64 -8.02
C THR B 19 -24.55 -8.47 -9.02
N LEU B 20 -23.31 -8.03 -9.22
CA LEU B 20 -23.04 -6.87 -10.05
C LEU B 20 -22.48 -7.26 -11.38
N ASN B 21 -21.45 -8.10 -11.35
CA ASN B 21 -20.71 -8.47 -12.56
C ASN B 21 -20.38 -7.25 -13.43
N ASP B 22 -19.80 -6.25 -12.77
CA ASP B 22 -19.49 -4.98 -13.40
C ASP B 22 -18.42 -4.26 -12.60
N LYS B 23 -17.68 -3.38 -13.27
CA LYS B 23 -16.72 -2.52 -12.61
C LYS B 23 -17.48 -1.46 -11.82
N ILE B 24 -16.79 -0.90 -10.84
CA ILE B 24 -17.28 0.23 -10.06
C ILE B 24 -17.38 1.51 -10.92
N PHE B 25 -18.53 2.19 -10.85
CA PHE B 25 -18.79 3.41 -11.62
C PHE B 25 -18.18 4.65 -10.96
N SER B 26 -18.35 4.74 -9.65
CA SER B 26 -17.73 5.84 -8.90
C SER B 26 -17.25 5.41 -7.52
N TYR B 27 -16.23 6.11 -7.02
CA TYR B 27 -15.62 5.83 -5.73
C TYR B 27 -15.52 7.14 -4.99
N THR B 28 -16.09 7.17 -3.80
CA THR B 28 -16.09 8.35 -2.95
C THR B 28 -15.52 8.03 -1.56
N GLU B 29 -14.66 8.90 -1.05
CA GLU B 29 -14.19 8.70 0.32
C GLU B 29 -14.09 10.02 1.06
N SER B 30 -14.36 9.95 2.36
CA SER B 30 -14.47 11.11 3.22
C SER B 30 -13.62 10.99 4.49
N LEU B 31 -13.01 12.10 4.90
CA LEU B 31 -12.26 12.19 6.16
C LEU B 31 -12.97 13.10 7.17
N ALA B 32 -14.17 13.52 6.81
CA ALA B 32 -14.92 14.47 7.62
C ALA B 32 -15.36 13.75 8.89
N GLY B 33 -15.35 14.45 10.02
CA GLY B 33 -15.57 13.77 11.28
C GLY B 33 -16.93 13.12 11.40
N LYS B 34 -16.91 11.87 11.87
CA LYS B 34 -18.10 11.02 12.03
C LYS B 34 -18.67 10.52 10.67
N ARG B 35 -18.01 10.88 9.56
CA ARG B 35 -18.32 10.33 8.25
C ARG B 35 -17.06 9.82 7.52
N GLU B 36 -16.21 9.10 8.25
CA GLU B 36 -14.99 8.50 7.68
C GLU B 36 -15.40 7.21 7.06
N MET B 37 -15.80 7.30 5.79
CA MET B 37 -16.51 6.21 5.12
C MET B 37 -16.13 6.25 3.65
N ALA B 38 -16.48 5.19 2.93
CA ALA B 38 -16.37 5.17 1.47
C ALA B 38 -17.74 4.82 0.93
N ILE B 39 -18.01 5.31 -0.27
CA ILE B 39 -19.24 5.04 -0.97
C ILE B 39 -18.88 4.67 -2.39
N ILE B 40 -19.43 3.57 -2.86
CA ILE B 40 -19.29 3.19 -4.26
C ILE B 40 -20.63 3.12 -4.96
N THR B 41 -20.63 3.37 -6.28
CA THR B 41 -21.82 3.12 -7.10
C THR B 41 -21.46 2.34 -8.32
N PHE B 42 -22.51 1.76 -8.89
CA PHE B 42 -22.45 1.04 -10.14
C PHE B 42 -23.37 1.72 -11.13
N LYS B 43 -23.13 1.44 -12.41
CA LYS B 43 -23.82 2.16 -13.45
C LYS B 43 -25.31 1.81 -13.44
N ASN B 44 -25.68 0.67 -12.86
CA ASN B 44 -27.08 0.31 -12.69
C ASN B 44 -27.82 1.14 -11.62
N GLY B 45 -27.12 2.08 -11.00
CA GLY B 45 -27.72 2.91 -9.97
C GLY B 45 -27.46 2.49 -8.54
N ALA B 46 -26.94 1.27 -8.33
CA ALA B 46 -26.79 0.72 -6.98
C ALA B 46 -25.70 1.47 -6.24
N THR B 47 -25.95 1.76 -4.96
CA THR B 47 -25.02 2.47 -4.11
C THR B 47 -24.79 1.67 -2.84
N PHE B 48 -23.51 1.60 -2.44
CA PHE B 48 -23.08 0.87 -1.25
C PHE B 48 -22.10 1.66 -0.41
N GLN B 49 -22.09 1.41 0.89
CA GLN B 49 -21.12 2.07 1.79
C GLN B 49 -20.19 1.07 2.50
N VAL B 50 -19.00 1.54 2.85
CA VAL B 50 -18.23 0.91 3.91
C VAL B 50 -18.53 1.82 5.09
N GLU B 51 -19.23 1.28 6.08
CA GLU B 51 -19.59 2.03 7.25
C GLU B 51 -18.42 2.67 8.00
N VAL B 52 -18.71 3.79 8.64
CA VAL B 52 -17.81 4.33 9.66
C VAL B 52 -17.62 3.29 10.77
N PRO B 53 -16.37 3.06 11.20
CA PRO B 53 -16.13 2.15 12.30
C PRO B 53 -16.95 2.61 13.51
N GLY B 54 -17.68 1.68 14.12
CA GLY B 54 -18.47 2.04 15.29
C GLY B 54 -18.62 0.95 16.32
N SER B 55 -19.47 1.20 17.32
CA SER B 55 -19.67 0.26 18.42
C SER B 55 -20.28 -1.05 17.94
N GLN B 56 -20.84 -1.05 16.73
CA GLN B 56 -21.38 -2.27 16.13
C GLN B 56 -20.29 -3.26 15.67
N HIS B 57 -19.05 -2.80 15.56
CA HIS B 57 -17.97 -3.63 15.03
C HIS B 57 -17.16 -4.20 16.18
N ILE B 58 -16.67 -5.41 16.02
CA ILE B 58 -15.76 -5.95 17.03
C ILE B 58 -14.34 -5.59 16.64
N ASP B 59 -13.42 -5.74 17.59
CA ASP B 59 -12.06 -5.26 17.37
C ASP B 59 -11.40 -5.85 16.12
N SER B 60 -11.68 -7.12 15.87
CA SER B 60 -11.11 -7.84 14.72
C SER B 60 -11.63 -7.37 13.39
N GLN B 61 -12.75 -6.65 13.36
CA GLN B 61 -13.22 -6.03 12.11
C GLN B 61 -12.50 -4.72 11.74
N LYS B 62 -11.87 -4.03 12.69
CA LYS B 62 -11.19 -2.75 12.43
C LYS B 62 -10.20 -2.77 11.27
N LYS B 63 -9.24 -3.67 11.33
CA LYS B 63 -8.28 -3.84 10.23
C LYS B 63 -8.96 -4.21 8.92
N ALA B 64 -9.99 -5.06 8.97
CA ALA B 64 -10.67 -5.50 7.77
C ALA B 64 -11.51 -4.38 7.11
N ILE B 65 -12.05 -3.46 7.94
CA ILE B 65 -12.74 -2.30 7.38
C ILE B 65 -11.75 -1.45 6.55
N GLU B 66 -10.56 -1.27 7.10
CA GLU B 66 -9.52 -0.49 6.41
C GLU B 66 -9.11 -1.17 5.11
N ARG B 67 -8.93 -2.48 5.19
CA ARG B 67 -8.62 -3.26 4.01
C ARG B 67 -9.70 -3.16 2.95
N MET B 68 -10.96 -3.23 3.33
CA MET B 68 -12.04 -3.17 2.36
C MET B 68 -12.01 -1.85 1.58
N LYS B 69 -11.77 -0.74 2.25
CA LYS B 69 -11.66 0.55 1.59
C LYS B 69 -10.45 0.54 0.68
N ASP B 70 -9.34 -0.06 1.11
CA ASP B 70 -8.19 -0.23 0.18
C ASP B 70 -8.60 -1.02 -1.06
N THR B 71 -9.28 -2.13 -0.87
CA THR B 71 -9.71 -2.98 -1.96
C THR B 71 -10.65 -2.23 -2.93
N LEU B 72 -11.60 -1.47 -2.41
CA LEU B 72 -12.55 -0.82 -3.30
C LEU B 72 -11.82 0.24 -4.17
N ARG B 73 -10.91 0.97 -3.56
CA ARG B 73 -10.16 1.99 -4.28
C ARG B 73 -9.37 1.37 -5.42
N ILE B 74 -8.61 0.31 -5.15
CA ILE B 74 -7.80 -0.27 -6.23
C ILE B 74 -8.66 -0.98 -7.26
N ALA B 75 -9.76 -1.59 -6.83
CA ALA B 75 -10.69 -2.18 -7.78
C ALA B 75 -11.26 -1.14 -8.74
N TYR B 76 -11.65 0.01 -8.18
CA TYR B 76 -12.13 1.12 -8.97
C TYR B 76 -11.07 1.57 -9.95
N LEU B 77 -9.85 1.77 -9.48
CA LEU B 77 -8.81 2.33 -10.36
C LEU B 77 -8.31 1.40 -11.47
N THR B 78 -8.36 0.09 -11.22
CA THR B 78 -8.02 -0.95 -12.18
C THR B 78 -9.22 -1.40 -13.02
N GLU B 79 -10.42 -0.91 -12.68
CA GLU B 79 -11.64 -1.24 -13.44
C GLU B 79 -11.92 -2.76 -13.35
N ALA B 80 -11.60 -3.32 -12.20
CA ALA B 80 -11.85 -4.74 -11.95
C ALA B 80 -13.33 -5.00 -11.82
N LYS B 81 -13.79 -6.07 -12.46
CA LYS B 81 -15.17 -6.50 -12.33
C LYS B 81 -15.41 -7.05 -10.92
N VAL B 82 -16.43 -6.48 -10.29
CA VAL B 82 -17.00 -6.95 -9.05
C VAL B 82 -18.06 -7.99 -9.38
N GLU B 83 -17.89 -9.21 -8.89
CA GLU B 83 -18.88 -10.25 -9.04
C GLU B 83 -20.07 -10.03 -8.12
N LYS B 84 -19.85 -10.22 -6.83
CA LYS B 84 -20.90 -10.07 -5.80
C LYS B 84 -20.45 -9.22 -4.67
N LEU B 85 -21.43 -8.59 -4.02
CA LEU B 85 -21.24 -7.97 -2.72
C LEU B 85 -22.18 -8.67 -1.75
N CYS B 86 -21.67 -9.01 -0.57
CA CYS B 86 -22.53 -9.38 0.56
C CYS B 86 -22.72 -8.11 1.37
N VAL B 87 -23.96 -7.76 1.66
CA VAL B 87 -24.22 -6.49 2.33
C VAL B 87 -25.19 -6.67 3.46
N TRP B 88 -25.09 -5.82 4.47
CA TRP B 88 -26.13 -5.68 5.47
C TRP B 88 -27.22 -4.75 4.92
N ASN B 89 -28.46 -5.21 4.93
CA ASN B 89 -29.57 -4.46 4.36
C ASN B 89 -30.41 -3.71 5.39
N ASN B 90 -29.90 -3.58 6.60
CA ASN B 90 -30.52 -2.74 7.63
C ASN B 90 -29.79 -1.40 7.78
N LYS B 91 -29.12 -0.99 6.71
CA LYS B 91 -28.43 0.30 6.67
C LYS B 91 -28.67 0.86 5.26
N THR B 92 -28.65 2.18 5.13
CA THR B 92 -28.85 2.83 3.85
C THR B 92 -27.70 3.81 3.69
N PRO B 93 -26.90 3.71 2.63
CA PRO B 93 -26.91 2.63 1.63
C PRO B 93 -26.56 1.28 2.28
N HIS B 94 -26.91 0.19 1.61
CA HIS B 94 -26.50 -1.11 2.11
C HIS B 94 -24.99 -1.10 2.44
N ALA B 95 -24.63 -1.74 3.53
CA ALA B 95 -23.28 -1.72 4.07
C ALA B 95 -22.51 -2.99 3.69
N ILE B 96 -21.32 -2.79 3.10
CA ILE B 96 -20.56 -3.93 2.57
C ILE B 96 -19.96 -4.79 3.68
N ALA B 97 -20.23 -6.09 3.64
CA ALA B 97 -19.60 -7.07 4.50
C ALA B 97 -18.54 -7.89 3.80
N ALA B 98 -18.71 -8.12 2.49
CA ALA B 98 -17.76 -8.92 1.75
C ALA B 98 -17.87 -8.61 0.25
N ILE B 99 -16.80 -8.89 -0.49
CA ILE B 99 -16.75 -8.64 -1.92
C ILE B 99 -16.11 -9.83 -2.60
N SER B 100 -16.61 -10.18 -3.78
CA SER B 100 -15.93 -11.15 -4.61
C SER B 100 -15.65 -10.49 -5.92
N MET B 101 -14.49 -10.80 -6.46
CA MET B 101 -14.11 -10.32 -7.78
C MET B 101 -13.78 -11.52 -8.63
N ALA B 102 -14.33 -11.53 -9.83
CA ALA B 102 -14.09 -12.59 -10.80
C ALA B 102 -14.42 -11.95 -12.13
N ASN B 103 -13.81 -12.45 -13.19
CA ASN B 103 -14.08 -11.94 -14.54
C ASN B 103 -15.31 -12.56 -15.17
N THR C 1 18.07 -21.05 6.44
CA THR C 1 16.62 -20.93 6.12
C THR C 1 16.29 -21.70 4.84
N PRO C 2 15.02 -22.02 4.61
CA PRO C 2 14.63 -22.73 3.39
C PRO C 2 14.93 -21.89 2.15
N GLN C 3 15.25 -22.56 1.05
CA GLN C 3 15.60 -21.85 -0.18
C GLN C 3 14.43 -21.74 -1.14
N ASN C 4 13.35 -22.45 -0.82
CA ASN C 4 12.18 -22.50 -1.70
C ASN C 4 10.96 -22.91 -0.90
N ILE C 5 9.79 -22.72 -1.48
CA ILE C 5 8.52 -22.97 -0.80
C ILE C 5 8.31 -24.44 -0.43
N THR C 6 8.86 -25.35 -1.21
CA THR C 6 8.69 -26.77 -0.97
C THR C 6 9.44 -27.20 0.31
N ASP C 7 10.69 -26.77 0.45
CA ASP C 7 11.46 -27.05 1.63
C ASP C 7 10.86 -26.36 2.85
N LEU C 8 10.35 -25.15 2.67
CA LEU C 8 9.71 -24.43 3.76
C LEU C 8 8.49 -25.22 4.23
N CYS C 9 7.68 -25.65 3.28
CA CYS C 9 6.45 -26.37 3.57
C CYS C 9 6.70 -27.63 4.39
N ALA C 10 7.77 -28.36 4.06
CA ALA C 10 8.07 -29.64 4.68
C ALA C 10 8.52 -29.51 6.14
N GLU C 11 8.82 -28.28 6.56
CA GLU C 11 9.23 -28.03 7.95
C GLU C 11 8.04 -28.12 8.91
N TYR C 12 6.83 -28.17 8.38
CA TYR C 12 5.63 -28.10 9.20
C TYR C 12 4.79 -29.37 9.11
N HIS C 13 4.06 -29.67 10.18
CA HIS C 13 3.11 -30.77 10.16
C HIS C 13 1.83 -30.34 9.46
N ASN C 14 1.15 -31.32 8.85
CA ASN C 14 -0.14 -31.13 8.20
C ASN C 14 -0.15 -30.14 7.05
N THR C 15 0.91 -30.14 6.24
CA THR C 15 0.97 -29.26 5.08
C THR C 15 1.15 -30.06 3.80
N GLN C 16 0.90 -29.40 2.68
CA GLN C 16 1.24 -29.93 1.36
C GLN C 16 1.41 -28.80 0.37
N ILE C 17 2.08 -29.11 -0.73
CA ILE C 17 2.23 -28.20 -1.84
C ILE C 17 1.15 -28.50 -2.87
N HIS C 18 0.44 -27.45 -3.29
CA HIS C 18 -0.38 -27.50 -4.49
C HIS C 18 0.37 -26.71 -5.57
N THR C 19 0.51 -27.32 -6.75
CA THR C 19 1.15 -26.67 -7.89
C THR C 19 0.08 -26.20 -8.87
N LEU C 20 -0.08 -24.88 -8.99
CA LEU C 20 -1.11 -24.30 -9.83
C LEU C 20 -0.61 -23.84 -11.19
N ASN C 21 0.51 -23.12 -11.23
CA ASN C 21 0.98 -22.49 -12.48
C ASN C 21 -0.14 -21.81 -13.26
N ASP C 22 -0.93 -21.01 -12.53
CA ASP C 22 -2.09 -20.30 -13.09
C ASP C 22 -2.39 -19.09 -12.23
N LYS C 23 -3.04 -18.11 -12.88
CA LYS C 23 -3.48 -16.91 -12.23
C LYS C 23 -4.69 -17.26 -11.40
N ILE C 24 -4.96 -16.42 -10.42
CA ILE C 24 -6.11 -16.58 -9.56
C ILE C 24 -7.39 -16.27 -10.35
N PHE C 25 -8.38 -17.15 -10.24
CA PHE C 25 -9.67 -17.01 -10.94
C PHE C 25 -10.64 -16.07 -10.21
N SER C 26 -10.67 -16.16 -8.88
CA SER C 26 -11.51 -15.25 -8.11
C SER C 26 -10.88 -14.96 -6.76
N TYR C 27 -11.17 -13.75 -6.27
CA TYR C 27 -10.64 -13.20 -5.03
C TYR C 27 -11.82 -12.68 -4.23
N THR C 28 -11.96 -13.17 -3.01
CA THR C 28 -13.05 -12.76 -2.13
C THR C 28 -12.45 -12.36 -0.77
N GLU C 29 -12.98 -11.29 -0.18
CA GLU C 29 -12.53 -10.90 1.15
C GLU C 29 -13.75 -10.36 1.93
N SER C 30 -13.67 -10.55 3.26
CA SER C 30 -14.79 -10.30 4.17
C SER C 30 -14.31 -9.50 5.35
N LEU C 31 -15.13 -8.53 5.79
CA LEU C 31 -14.93 -7.83 7.07
C LEU C 31 -15.95 -8.24 8.14
N ALA C 32 -16.78 -9.24 7.85
CA ALA C 32 -17.81 -9.67 8.76
C ALA C 32 -17.17 -10.28 10.00
N GLY C 33 -17.81 -10.05 11.15
CA GLY C 33 -17.20 -10.45 12.41
C GLY C 33 -17.04 -11.95 12.50
N LYS C 34 -15.83 -12.36 12.91
CA LYS C 34 -15.38 -13.74 12.97
C LYS C 34 -15.13 -14.39 11.63
N ARG C 35 -15.26 -13.62 10.55
CA ARG C 35 -14.94 -14.16 9.24
C ARG C 35 -14.11 -13.15 8.45
N GLU C 36 -13.15 -12.55 9.15
CA GLU C 36 -12.24 -11.58 8.53
C GLU C 36 -11.17 -12.39 7.83
N MET C 37 -11.48 -12.76 6.60
CA MET C 37 -10.71 -13.75 5.85
C MET C 37 -10.70 -13.40 4.36
N ALA C 38 -9.86 -14.13 3.63
CA ALA C 38 -9.87 -14.06 2.17
C ALA C 38 -10.02 -15.48 1.67
N ILE C 39 -10.65 -15.60 0.52
CA ILE C 39 -10.79 -16.87 -0.17
C ILE C 39 -10.38 -16.64 -1.62
N ILE C 40 -9.52 -17.52 -2.16
CA ILE C 40 -9.23 -17.50 -3.59
C ILE C 40 -9.60 -18.81 -4.26
N THR C 41 -9.86 -18.75 -5.57
CA THR C 41 -10.08 -19.95 -6.37
C THR C 41 -9.28 -19.90 -7.65
N PHE C 42 -9.12 -21.07 -8.25
CA PHE C 42 -8.45 -21.22 -9.52
C PHE C 42 -9.41 -21.92 -10.47
N LYS C 43 -9.13 -21.79 -11.77
CA LYS C 43 -10.01 -22.29 -12.82
C LYS C 43 -10.22 -23.79 -12.70
N ASN C 44 -9.29 -24.50 -12.09
CA ASN C 44 -9.41 -25.94 -11.92
C ASN C 44 -10.34 -26.36 -10.78
N GLY C 45 -10.94 -25.39 -10.11
CA GLY C 45 -11.89 -25.66 -9.05
C GLY C 45 -11.32 -25.56 -7.64
N ALA C 46 -10.00 -25.49 -7.53
CA ALA C 46 -9.39 -25.49 -6.21
C ALA C 46 -9.70 -24.18 -5.48
N THR C 47 -9.99 -24.31 -4.18
CA THR C 47 -10.33 -23.17 -3.33
C THR C 47 -9.39 -23.14 -2.12
N PHE C 48 -8.90 -21.96 -1.75
CA PHE C 48 -8.01 -21.80 -0.61
C PHE C 48 -8.42 -20.61 0.27
N GLN C 49 -8.12 -20.68 1.55
CA GLN C 49 -8.38 -19.54 2.44
C GLN C 49 -7.10 -18.97 3.06
N VAL C 50 -7.16 -17.68 3.40
CA VAL C 50 -6.32 -17.13 4.44
C VAL C 50 -7.17 -17.09 5.70
N GLU C 51 -6.78 -17.89 6.68
CA GLU C 51 -7.57 -18.04 7.88
C GLU C 51 -7.73 -16.73 8.62
N VAL C 52 -8.85 -16.65 9.33
CA VAL C 52 -9.08 -15.60 10.30
C VAL C 52 -8.01 -15.72 11.37
N PRO C 53 -7.40 -14.61 11.78
CA PRO C 53 -6.38 -14.68 12.82
C PRO C 53 -7.00 -15.20 14.13
N GLY C 54 -6.31 -16.12 14.79
CA GLY C 54 -6.80 -16.66 16.05
C GLY C 54 -5.67 -17.18 16.92
N SER C 55 -6.05 -17.91 17.97
CA SER C 55 -5.13 -18.46 18.97
C SER C 55 -4.11 -19.46 18.43
N GLN C 56 -4.38 -20.06 17.29
CA GLN C 56 -3.44 -20.99 16.67
C GLN C 56 -2.23 -20.26 16.11
N HIS C 57 -2.35 -18.94 15.97
CA HIS C 57 -1.33 -18.11 15.35
C HIS C 57 -0.43 -17.48 16.41
N ILE C 58 0.88 -17.46 16.19
CA ILE C 58 1.76 -16.72 17.07
C ILE C 58 1.76 -15.27 16.61
N ASP C 59 2.21 -14.38 17.48
CA ASP C 59 1.99 -12.95 17.24
C ASP C 59 2.72 -12.47 16.00
N SER C 60 3.88 -13.04 15.75
CA SER C 60 4.66 -12.68 14.56
C SER C 60 3.95 -13.02 13.25
N GLN C 61 3.04 -13.98 13.28
CA GLN C 61 2.26 -14.33 12.11
C GLN C 61 1.19 -13.27 11.77
N LYS C 62 0.79 -12.46 12.74
CA LYS C 62 -0.29 -11.51 12.48
C LYS C 62 -0.01 -10.55 11.31
N LYS C 63 1.12 -9.87 11.32
CA LYS C 63 1.49 -8.97 10.23
C LYS C 63 1.61 -9.76 8.94
N ALA C 64 2.07 -11.00 9.05
CA ALA C 64 2.28 -11.81 7.86
C ALA C 64 0.96 -12.27 7.23
N ILE C 65 -0.07 -12.48 8.04
CA ILE C 65 -1.41 -12.76 7.53
C ILE C 65 -1.95 -11.55 6.75
N GLU C 66 -1.77 -10.35 7.31
CA GLU C 66 -2.23 -9.16 6.63
C GLU C 66 -1.44 -9.01 5.33
N ARG C 67 -0.15 -9.29 5.34
CA ARG C 67 0.66 -9.18 4.11
C ARG C 67 0.16 -10.14 3.03
N MET C 68 -0.17 -11.37 3.44
CA MET C 68 -0.61 -12.38 2.49
C MET C 68 -1.91 -11.99 1.77
N LYS C 69 -2.83 -11.38 2.50
CA LYS C 69 -4.06 -10.94 1.86
C LYS C 69 -3.75 -9.80 0.90
N ASP C 70 -2.79 -8.94 1.26
CA ASP C 70 -2.34 -7.88 0.35
C ASP C 70 -1.80 -8.52 -0.94
N THR C 71 -0.97 -9.55 -0.78
CA THR C 71 -0.31 -10.18 -1.92
C THR C 71 -1.33 -10.86 -2.83
N LEU C 72 -2.29 -11.56 -2.26
CA LEU C 72 -3.29 -12.24 -3.06
C LEU C 72 -4.15 -11.26 -3.86
N ARG C 73 -4.54 -10.15 -3.24
CA ARG C 73 -5.33 -9.16 -3.95
C ARG C 73 -4.57 -8.59 -5.15
N ILE C 74 -3.33 -8.20 -4.95
CA ILE C 74 -2.57 -7.62 -6.05
C ILE C 74 -2.17 -8.66 -7.10
N ALA C 75 -1.86 -9.88 -6.66
CA ALA C 75 -1.67 -10.98 -7.58
C ALA C 75 -2.93 -11.18 -8.43
N TYR C 76 -4.10 -11.18 -7.80
CA TYR C 76 -5.33 -11.33 -8.56
C TYR C 76 -5.49 -10.21 -9.59
N LEU C 77 -5.30 -8.97 -9.16
CA LEU C 77 -5.59 -7.83 -10.02
C LEU C 77 -4.61 -7.69 -11.16
N THR C 78 -3.37 -8.15 -10.93
CA THR C 78 -2.37 -8.13 -12.01
C THR C 78 -2.37 -9.38 -12.85
N GLU C 79 -3.21 -10.35 -12.52
CA GLU C 79 -3.23 -11.65 -13.18
C GLU C 79 -1.87 -12.33 -13.11
N ALA C 80 -1.17 -12.18 -11.99
CA ALA C 80 0.10 -12.85 -11.83
C ALA C 80 -0.07 -14.35 -11.65
N LYS C 81 0.78 -15.09 -12.36
CA LYS C 81 0.78 -16.55 -12.26
C LYS C 81 1.26 -16.99 -10.89
N VAL C 82 0.44 -17.79 -10.23
CA VAL C 82 0.82 -18.43 -8.97
C VAL C 82 1.50 -19.74 -9.33
N GLU C 83 2.69 -19.96 -8.81
CA GLU C 83 3.39 -21.21 -9.08
C GLU C 83 2.87 -22.28 -8.12
N LYS C 84 3.18 -22.10 -6.84
CA LYS C 84 2.82 -23.06 -5.80
C LYS C 84 2.18 -22.38 -4.61
N LEU C 85 1.34 -23.14 -3.91
CA LEU C 85 0.87 -22.76 -2.59
C LEU C 85 1.27 -23.83 -1.57
N CYS C 86 1.86 -23.43 -0.45
CA CYS C 86 1.97 -24.29 0.71
C CYS C 86 0.72 -24.08 1.56
N VAL C 87 0.02 -25.15 1.89
CA VAL C 87 -1.19 -25.04 2.68
C VAL C 87 -1.21 -26.04 3.84
N TRP C 88 -1.92 -25.66 4.89
CA TRP C 88 -2.34 -26.61 5.91
C TRP C 88 -3.59 -27.34 5.37
N ASN C 89 -3.47 -28.66 5.29
CA ASN C 89 -4.54 -29.49 4.78
C ASN C 89 -5.38 -30.10 5.90
N ASN C 90 -5.24 -29.57 7.11
CA ASN C 90 -6.15 -29.91 8.21
C ASN C 90 -7.24 -28.85 8.41
N LYS C 91 -7.48 -28.04 7.38
CA LYS C 91 -8.54 -27.04 7.37
C LYS C 91 -9.25 -27.10 6.02
N THR C 92 -10.50 -26.68 5.98
CA THR C 92 -11.30 -26.63 4.77
C THR C 92 -11.93 -25.25 4.65
N PRO C 93 -11.69 -24.49 3.57
CA PRO C 93 -10.71 -24.79 2.53
C PRO C 93 -9.28 -24.88 3.08
N HIS C 94 -8.38 -25.58 2.37
CA HIS C 94 -6.98 -25.62 2.77
C HIS C 94 -6.50 -24.21 3.06
N ALA C 95 -5.75 -24.02 4.13
CA ALA C 95 -5.32 -22.71 4.63
C ALA C 95 -3.93 -22.35 4.14
N ILE C 96 -3.78 -21.19 3.53
CA ILE C 96 -2.50 -20.79 2.96
C ILE C 96 -1.45 -20.48 4.00
N ALA C 97 -0.29 -21.12 3.85
CA ALA C 97 0.92 -20.86 4.64
C ALA C 97 1.97 -20.09 3.88
N ALA C 98 2.08 -20.34 2.58
CA ALA C 98 3.05 -19.62 1.76
C ALA C 98 2.63 -19.68 0.30
N ILE C 99 3.16 -18.74 -0.48
CA ILE C 99 2.89 -18.65 -1.91
C ILE C 99 4.18 -18.40 -2.67
N SER C 100 4.31 -19.01 -3.84
CA SER C 100 5.42 -18.68 -4.76
C SER C 100 4.83 -18.26 -6.09
N MET C 101 5.41 -17.21 -6.65
CA MET C 101 4.99 -16.69 -7.95
C MET C 101 6.19 -16.75 -8.85
N ALA C 102 5.96 -17.23 -10.08
CA ALA C 102 7.00 -17.34 -11.09
C ALA C 102 6.24 -17.35 -12.41
N ASN C 103 6.82 -16.73 -13.43
CA ASN C 103 6.13 -16.58 -14.72
C ASN C 103 6.09 -17.88 -15.50
N THR D 1 27.52 9.60 5.33
CA THR D 1 26.18 9.14 4.74
C THR D 1 26.24 8.73 3.25
N PRO D 2 26.00 7.47 2.98
CA PRO D 2 26.42 6.91 1.69
C PRO D 2 25.64 7.43 0.50
N GLN D 3 26.37 7.59 -0.60
CA GLN D 3 25.81 8.05 -1.86
C GLN D 3 25.16 6.94 -2.66
N ASN D 4 25.52 5.70 -2.38
CA ASN D 4 25.05 4.57 -3.19
C ASN D 4 25.14 3.28 -2.40
N ILE D 5 24.53 2.23 -2.92
CA ILE D 5 24.48 0.92 -2.27
C ILE D 5 25.85 0.28 -2.06
N THR D 6 26.83 0.53 -2.94
CA THR D 6 28.14 -0.09 -2.76
C THR D 6 28.84 0.47 -1.52
N ASP D 7 28.79 1.80 -1.39
CA ASP D 7 29.37 2.47 -0.24
C ASP D 7 28.63 2.13 1.06
N LEU D 8 27.31 2.01 0.99
CA LEU D 8 26.53 1.59 2.18
C LEU D 8 26.95 0.18 2.64
N CYS D 9 26.98 -0.75 1.72
CA CYS D 9 27.40 -2.12 1.96
C CYS D 9 28.76 -2.22 2.66
N ALA D 10 29.70 -1.36 2.27
CA ALA D 10 31.06 -1.39 2.77
C ALA D 10 31.17 -0.93 4.21
N GLU D 11 30.10 -0.38 4.73
CA GLU D 11 30.09 0.06 6.13
C GLU D 11 29.88 -1.08 7.13
N TYR D 12 29.51 -2.25 6.62
CA TYR D 12 29.09 -3.36 7.44
C TYR D 12 29.99 -4.56 7.30
N HIS D 13 30.14 -5.32 8.39
CA HIS D 13 30.71 -6.67 8.45
C HIS D 13 29.81 -7.75 7.85
N ASN D 14 30.45 -8.79 7.31
CA ASN D 14 29.90 -9.81 6.49
C ASN D 14 28.83 -9.47 5.48
N THR D 15 29.16 -8.45 4.67
CA THR D 15 28.33 -8.06 3.53
C THR D 15 29.07 -8.27 2.20
N GLN D 16 28.29 -8.34 1.13
CA GLN D 16 28.80 -8.30 -0.23
C GLN D 16 27.72 -7.77 -1.16
N ILE D 17 28.17 -7.26 -2.29
CA ILE D 17 27.30 -6.78 -3.32
C ILE D 17 27.18 -7.86 -4.40
N HIS D 18 25.95 -8.13 -4.82
CA HIS D 18 25.59 -8.96 -5.95
C HIS D 18 25.06 -7.99 -7.01
N THR D 19 25.60 -8.06 -8.22
CA THR D 19 25.16 -7.22 -9.33
C THR D 19 24.35 -8.10 -10.27
N LEU D 20 23.04 -7.86 -10.32
CA LEU D 20 22.13 -8.74 -11.03
C LEU D 20 21.75 -8.14 -12.38
N ASN D 21 21.41 -6.85 -12.38
CA ASN D 21 20.87 -6.17 -13.54
C ASN D 21 19.84 -7.01 -14.26
N ASP D 22 18.85 -7.45 -13.51
CA ASP D 22 17.86 -8.35 -14.03
C ASP D 22 16.64 -8.28 -13.15
N LYS D 23 15.52 -8.65 -13.72
CA LYS D 23 14.27 -8.73 -12.96
C LYS D 23 14.27 -9.97 -12.05
N ILE D 24 13.45 -9.93 -11.01
CA ILE D 24 13.22 -11.08 -10.16
C ILE D 24 12.50 -12.20 -10.93
N PHE D 25 13.07 -13.41 -10.87
CA PHE D 25 12.51 -14.61 -11.44
C PHE D 25 11.37 -15.20 -10.63
N SER D 26 11.53 -15.28 -9.31
CA SER D 26 10.48 -15.80 -8.47
C SER D 26 10.38 -15.05 -7.16
N TYR D 27 9.16 -14.93 -6.67
CA TYR D 27 8.88 -14.27 -5.40
C TYR D 27 8.09 -15.24 -4.54
N THR D 28 8.59 -15.49 -3.34
CA THR D 28 7.98 -16.39 -2.39
C THR D 28 7.79 -15.67 -1.07
N GLU D 29 6.63 -15.89 -0.46
CA GLU D 29 6.40 -15.29 0.83
C GLU D 29 5.63 -16.26 1.73
N SER D 30 5.96 -16.22 3.02
CA SER D 30 5.42 -17.16 4.01
C SER D 30 4.86 -16.46 5.25
N LEU D 31 3.74 -16.97 5.76
CA LEU D 31 3.16 -16.56 7.04
C LEU D 31 3.27 -17.66 8.08
N ALA D 32 3.95 -18.77 7.74
CA ALA D 32 4.13 -19.85 8.72
C ALA D 32 4.99 -19.39 9.92
N GLY D 33 4.65 -19.88 11.10
CA GLY D 33 5.27 -19.38 12.32
C GLY D 33 6.77 -19.62 12.37
N LYS D 34 7.51 -18.58 12.71
CA LYS D 34 8.97 -18.57 12.74
C LYS D 34 9.63 -18.63 11.35
N ARG D 35 8.81 -18.56 10.30
CA ARG D 35 9.28 -18.44 8.93
C ARG D 35 8.50 -17.32 8.21
N GLU D 36 8.22 -16.22 8.92
CA GLU D 36 7.56 -15.08 8.33
C GLU D 36 8.60 -14.29 7.56
N MET D 37 8.75 -14.65 6.29
CA MET D 37 9.91 -14.24 5.49
C MET D 37 9.51 -14.16 4.01
N ALA D 38 10.37 -13.55 3.18
CA ALA D 38 10.24 -13.60 1.73
C ALA D 38 11.54 -14.18 1.17
N ILE D 39 11.44 -14.91 0.06
CA ILE D 39 12.58 -15.44 -0.69
C ILE D 39 12.39 -15.04 -2.14
N ILE D 40 13.44 -14.52 -2.76
CA ILE D 40 13.44 -14.25 -4.19
C ILE D 40 14.57 -15.00 -4.87
N THR D 41 14.37 -15.31 -6.15
CA THR D 41 15.45 -15.86 -6.96
C THR D 41 15.53 -15.13 -8.24
N PHE D 42 16.71 -15.20 -8.82
CA PHE D 42 16.94 -14.71 -10.17
C PHE D 42 17.21 -15.88 -11.09
N LYS D 43 17.19 -15.58 -12.37
CA LYS D 43 17.25 -16.63 -13.38
C LYS D 43 18.58 -17.37 -13.36
N ASN D 44 19.62 -16.70 -12.86
CA ASN D 44 20.93 -17.36 -12.68
C ASN D 44 20.97 -18.33 -11.46
N GLY D 45 19.87 -18.40 -10.71
CA GLY D 45 19.75 -19.29 -9.55
C GLY D 45 20.03 -18.63 -8.21
N ALA D 46 20.61 -17.44 -8.24
CA ALA D 46 20.93 -16.72 -7.03
C ALA D 46 19.63 -16.53 -6.24
N THR D 47 19.72 -16.79 -4.94
CA THR D 47 18.57 -16.86 -4.06
C THR D 47 18.85 -16.02 -2.84
N PHE D 48 17.85 -15.25 -2.37
CA PHE D 48 18.05 -14.28 -1.31
C PHE D 48 16.83 -14.26 -0.41
N GLN D 49 17.01 -13.88 0.85
CA GLN D 49 15.92 -13.86 1.77
C GLN D 49 15.80 -12.47 2.38
N VAL D 50 14.59 -12.12 2.78
CA VAL D 50 14.39 -11.13 3.85
C VAL D 50 14.15 -11.93 5.14
N GLU D 51 15.08 -11.77 6.07
CA GLU D 51 15.09 -12.59 7.26
C GLU D 51 13.87 -12.31 8.10
N VAL D 52 13.45 -13.34 8.82
CA VAL D 52 12.49 -13.21 9.88
C VAL D 52 13.05 -12.22 10.90
N PRO D 53 12.25 -11.25 11.35
CA PRO D 53 12.69 -10.37 12.43
C PRO D 53 13.14 -11.15 13.70
N GLY D 54 14.29 -10.77 14.24
CA GLY D 54 14.89 -11.49 15.35
C GLY D 54 15.76 -10.65 16.26
N SER D 55 16.45 -11.30 17.20
CA SER D 55 17.22 -10.57 18.17
C SER D 55 18.44 -9.91 17.56
N GLN D 56 18.75 -10.23 16.31
CA GLN D 56 19.86 -9.58 15.63
C GLN D 56 19.48 -8.18 15.22
N HIS D 57 18.18 -7.91 15.18
CA HIS D 57 17.65 -6.68 14.62
C HIS D 57 17.42 -5.64 15.68
N ILE D 58 17.61 -4.37 15.34
CA ILE D 58 17.26 -3.31 16.31
C ILE D 58 15.90 -2.77 15.92
N ASP D 59 15.30 -1.99 16.82
CA ASP D 59 13.93 -1.58 16.62
C ASP D 59 13.72 -0.79 15.30
N SER D 60 14.68 0.04 14.93
CA SER D 60 14.53 0.88 13.74
C SER D 60 14.51 0.03 12.48
N GLN D 61 14.95 -1.21 12.59
CA GLN D 61 14.94 -2.10 11.42
C GLN D 61 13.58 -2.77 11.15
N LYS D 62 12.69 -2.82 12.14
CA LYS D 62 11.41 -3.53 11.96
C LYS D 62 10.55 -3.02 10.80
N LYS D 63 10.39 -1.71 10.69
CA LYS D 63 9.54 -1.14 9.71
C LYS D 63 10.26 -1.31 8.35
N ALA D 64 11.60 -1.26 8.39
CA ALA D 64 12.35 -1.37 7.11
C ALA D 64 12.32 -2.77 6.54
N ILE D 65 12.27 -3.78 7.41
CA ILE D 65 12.08 -5.18 6.97
C ILE D 65 10.74 -5.29 6.28
N GLU D 66 9.68 -4.73 6.89
CA GLU D 66 8.38 -4.82 6.26
C GLU D 66 8.37 -4.08 4.89
N ARG D 67 9.04 -2.95 4.84
CA ARG D 67 9.12 -2.15 3.62
C ARG D 67 9.85 -2.96 2.57
N MET D 68 10.92 -3.65 2.95
CA MET D 68 11.70 -4.38 1.95
C MET D 68 10.85 -5.48 1.32
N LYS D 69 10.07 -6.21 2.10
CA LYS D 69 9.20 -7.22 1.50
C LYS D 69 8.13 -6.57 0.58
N ASP D 70 7.64 -5.37 0.93
CA ASP D 70 6.74 -4.64 0.05
C ASP D 70 7.45 -4.33 -1.30
N THR D 71 8.69 -3.86 -1.24
CA THR D 71 9.45 -3.48 -2.41
C THR D 71 9.70 -4.67 -3.32
N LEU D 72 10.07 -5.78 -2.70
CA LEU D 72 10.36 -6.98 -3.47
C LEU D 72 9.14 -7.46 -4.21
N ARG D 73 7.98 -7.42 -3.57
CA ARG D 73 6.77 -7.91 -4.21
C ARG D 73 6.41 -7.05 -5.39
N ILE D 74 6.43 -5.74 -5.21
CA ILE D 74 6.01 -4.87 -6.31
C ILE D 74 7.05 -4.82 -7.41
N ALA D 75 8.32 -4.96 -7.05
CA ALA D 75 9.38 -5.10 -8.06
C ALA D 75 9.13 -6.32 -8.89
N TYR D 76 8.83 -7.44 -8.24
CA TYR D 76 8.57 -8.66 -8.96
C TYR D 76 7.39 -8.47 -9.97
N LEU D 77 6.31 -7.88 -9.47
CA LEU D 77 5.08 -7.82 -10.26
C LEU D 77 5.20 -6.86 -11.43
N THR D 78 6.07 -5.86 -11.31
CA THR D 78 6.28 -4.87 -12.36
C THR D 78 7.44 -5.26 -13.28
N GLU D 79 8.09 -6.37 -12.97
CA GLU D 79 9.30 -6.81 -13.70
C GLU D 79 10.39 -5.75 -13.70
N ALA D 80 10.51 -5.00 -12.61
CA ALA D 80 11.51 -3.96 -12.53
C ALA D 80 12.87 -4.59 -12.43
N LYS D 81 13.83 -4.02 -13.13
CA LYS D 81 15.18 -4.51 -13.06
C LYS D 81 15.83 -4.16 -11.75
N VAL D 82 16.33 -5.18 -11.07
CA VAL D 82 17.19 -5.02 -9.93
C VAL D 82 18.66 -4.84 -10.37
N GLU D 83 19.25 -3.71 -9.99
CA GLU D 83 20.64 -3.46 -10.26
C GLU D 83 21.55 -4.25 -9.32
N LYS D 84 21.55 -3.92 -8.03
CA LYS D 84 22.43 -4.56 -7.08
C LYS D 84 21.66 -4.89 -5.80
N LEU D 85 22.12 -5.94 -5.14
CA LEU D 85 21.75 -6.21 -3.76
C LEU D 85 22.98 -6.19 -2.89
N CYS D 86 22.83 -5.57 -1.72
CA CYS D 86 23.80 -5.66 -0.65
C CYS D 86 23.23 -6.71 0.29
N VAL D 87 24.01 -7.72 0.58
CA VAL D 87 23.55 -8.85 1.40
C VAL D 87 24.50 -9.21 2.53
N TRP D 88 23.95 -9.72 3.63
CA TRP D 88 24.75 -10.43 4.59
C TRP D 88 25.07 -11.86 4.12
N ASN D 89 26.39 -12.12 4.12
CA ASN D 89 27.15 -13.30 3.74
C ASN D 89 27.09 -14.49 4.65
N ASN D 90 26.72 -14.19 5.88
CA ASN D 90 26.78 -15.17 6.96
C ASN D 90 25.46 -15.87 7.21
N LYS D 91 24.54 -15.80 6.24
CA LYS D 91 23.26 -16.48 6.27
C LYS D 91 23.03 -17.18 4.92
N THR D 92 22.24 -18.25 4.91
CA THR D 92 21.81 -18.91 3.71
C THR D 92 20.29 -19.04 3.74
N PRO D 93 19.56 -18.57 2.74
CA PRO D 93 20.06 -17.73 1.64
C PRO D 93 20.69 -16.43 2.17
N HIS D 94 21.55 -15.81 1.35
CA HIS D 94 22.09 -14.52 1.73
C HIS D 94 20.94 -13.58 2.06
N ALA D 95 21.12 -12.79 3.11
CA ALA D 95 20.06 -11.98 3.67
C ALA D 95 20.15 -10.54 3.12
N ILE D 96 19.07 -10.04 2.56
CA ILE D 96 19.09 -8.70 1.96
C ILE D 96 19.18 -7.60 2.99
N ALA D 97 20.16 -6.72 2.80
CA ALA D 97 20.32 -5.48 3.60
C ALA D 97 19.87 -4.24 2.84
N ALA D 98 20.06 -4.26 1.52
CA ALA D 98 19.69 -3.12 0.68
C ALA D 98 19.49 -3.57 -0.77
N ILE D 99 18.68 -2.81 -1.50
CA ILE D 99 18.46 -3.05 -2.95
C ILE D 99 18.57 -1.74 -3.72
N SER D 100 19.10 -1.81 -4.94
CA SER D 100 19.07 -0.67 -5.81
C SER D 100 18.38 -1.13 -7.10
N MET D 101 17.58 -0.26 -7.67
CA MET D 101 16.84 -0.53 -8.90
C MET D 101 17.24 0.57 -9.86
N ALA D 102 17.61 0.16 -11.07
CA ALA D 102 17.92 1.10 -12.09
C ALA D 102 17.73 0.42 -13.44
N ASN D 103 17.23 1.25 -14.34
CA ASN D 103 17.24 1.10 -15.78
C ASN D 103 18.57 0.58 -16.38
N THR E 1 -0.51 29.18 5.08
CA THR E 1 -0.55 27.73 4.66
C THR E 1 -0.18 27.52 3.19
N PRO E 2 0.91 26.80 2.94
CA PRO E 2 1.59 26.89 1.66
C PRO E 2 0.76 26.51 0.45
N GLN E 3 0.89 27.30 -0.62
CA GLN E 3 0.17 27.03 -1.84
C GLN E 3 0.96 26.12 -2.75
N ASN E 4 2.26 25.98 -2.52
CA ASN E 4 3.11 25.17 -3.39
C ASN E 4 4.42 24.85 -2.70
N ILE E 5 5.20 23.98 -3.33
CA ILE E 5 6.46 23.50 -2.74
C ILE E 5 7.48 24.62 -2.54
N THR E 6 7.50 25.62 -3.43
CA THR E 6 8.48 26.70 -3.31
C THR E 6 8.23 27.54 -2.07
N ASP E 7 6.97 27.91 -1.82
CA ASP E 7 6.55 28.63 -0.62
C ASP E 7 6.78 27.82 0.65
N LEU E 8 6.50 26.51 0.58
CA LEU E 8 6.73 25.63 1.73
C LEU E 8 8.20 25.58 2.07
N CYS E 9 9.03 25.39 1.06
CA CYS E 9 10.46 25.25 1.22
C CYS E 9 11.06 26.51 1.87
N ALA E 10 10.48 27.66 1.54
CA ALA E 10 10.99 28.92 2.02
C ALA E 10 10.72 29.17 3.51
N GLU E 11 9.88 28.33 4.12
CA GLU E 11 9.57 28.46 5.53
C GLU E 11 10.65 27.89 6.44
N TYR E 12 11.63 27.22 5.84
CA TYR E 12 12.66 26.49 6.57
C TYR E 12 14.06 26.99 6.27
N HIS E 13 14.93 26.93 7.28
CA HIS E 13 16.35 27.19 7.08
C HIS E 13 17.06 25.99 6.49
N ASN E 14 18.18 26.28 5.85
CA ASN E 14 19.01 25.26 5.25
C ASN E 14 18.34 24.51 4.11
N THR E 15 17.40 25.13 3.39
CA THR E 15 16.77 24.43 2.27
C THR E 15 17.02 25.06 0.92
N GLN E 16 16.76 24.28 -0.11
CA GLN E 16 16.76 24.76 -1.48
C GLN E 16 15.90 23.89 -2.39
N ILE E 17 15.39 24.51 -3.45
CA ILE E 17 14.64 23.82 -4.49
C ILE E 17 15.58 23.36 -5.61
N HIS E 18 15.46 22.10 -5.96
CA HIS E 18 16.03 21.57 -7.20
C HIS E 18 14.90 21.27 -8.16
N THR E 19 15.00 21.80 -9.37
CA THR E 19 14.00 21.59 -10.38
C THR E 19 14.56 20.53 -11.32
N LEU E 20 13.94 19.36 -11.32
CA LEU E 20 14.41 18.22 -12.11
C LEU E 20 13.63 18.06 -13.42
N ASN E 21 12.31 18.22 -13.35
CA ASN E 21 11.46 17.87 -14.48
C ASN E 21 11.91 16.59 -15.20
N ASP E 22 12.11 15.55 -14.41
CA ASP E 22 12.56 14.26 -14.94
C ASP E 22 12.15 13.13 -14.01
N LYS E 23 12.08 11.92 -14.56
CA LYS E 23 11.81 10.72 -13.77
C LYS E 23 13.04 10.37 -12.96
N ILE E 24 12.83 9.57 -11.92
CA ILE E 24 13.92 9.07 -11.08
C ILE E 24 14.70 8.01 -11.86
N PHE E 25 16.04 8.13 -11.88
CA PHE E 25 16.91 7.19 -12.57
C PHE E 25 17.21 5.96 -11.78
N SER E 26 17.40 6.10 -10.46
CA SER E 26 17.64 4.92 -9.63
C SER E 26 17.00 5.11 -8.27
N TYR E 27 16.58 3.99 -7.69
CA TYR E 27 15.95 3.96 -6.37
C TYR E 27 16.70 2.91 -5.53
N THR E 28 17.16 3.33 -4.34
CA THR E 28 17.87 2.47 -3.42
C THR E 28 17.21 2.51 -2.08
N GLU E 29 17.04 1.35 -1.45
CA GLU E 29 16.40 1.22 -0.18
C GLU E 29 17.25 0.28 0.68
N SER E 30 17.44 0.64 1.95
CA SER E 30 18.24 -0.15 2.88
C SER E 30 17.48 -0.42 4.20
N LEU E 31 17.65 -1.62 4.73
CA LEU E 31 17.15 -1.95 6.09
C LEU E 31 18.30 -2.18 7.07
N ALA E 32 19.53 -1.89 6.65
CA ALA E 32 20.68 -2.08 7.50
C ALA E 32 20.60 -1.15 8.72
N GLY E 33 21.00 -1.67 9.87
CA GLY E 33 20.92 -0.93 11.12
C GLY E 33 21.60 0.43 11.06
N LYS E 34 20.87 1.48 11.42
CA LYS E 34 21.35 2.87 11.41
C LYS E 34 21.46 3.46 10.01
N ARG E 35 21.11 2.68 9.00
CA ARG E 35 21.03 3.16 7.61
C ARG E 35 19.68 2.79 6.98
N GLU E 36 18.61 2.90 7.73
CA GLU E 36 17.26 2.61 7.26
C GLU E 36 16.78 3.84 6.53
N MET E 37 17.03 3.86 5.24
CA MET E 37 16.93 5.06 4.43
C MET E 37 16.64 4.70 2.99
N ALA E 38 16.33 5.73 2.20
CA ALA E 38 16.25 5.57 0.75
C ALA E 38 17.14 6.63 0.14
N ILE E 39 17.68 6.31 -1.04
CA ILE E 39 18.51 7.20 -1.84
C ILE E 39 17.95 7.13 -3.24
N ILE E 40 17.75 8.28 -3.85
CA ILE E 40 17.41 8.32 -5.26
C ILE E 40 18.42 9.14 -6.06
N THR E 41 18.60 8.79 -7.33
CA THR E 41 19.37 9.62 -8.25
C THR E 41 18.59 9.91 -9.50
N PHE E 42 19.01 10.98 -10.14
CA PHE E 42 18.51 11.37 -11.46
C PHE E 42 19.60 11.15 -12.49
N LYS E 43 19.26 11.22 -13.78
CA LYS E 43 20.18 10.75 -14.83
C LYS E 43 21.51 11.52 -14.85
N ASN E 44 21.43 12.80 -14.52
CA ASN E 44 22.59 13.69 -14.44
C ASN E 44 23.56 13.36 -13.29
N GLY E 45 23.10 12.57 -12.33
CA GLY E 45 23.94 12.18 -11.21
C GLY E 45 23.47 12.71 -9.87
N ALA E 46 22.64 13.76 -9.87
CA ALA E 46 22.21 14.34 -8.60
C ALA E 46 21.53 13.32 -7.70
N THR E 47 21.98 13.28 -6.45
CA THR E 47 21.60 12.28 -5.46
C THR E 47 20.93 12.92 -4.22
N PHE E 48 19.90 12.24 -3.72
CA PHE E 48 19.10 12.75 -2.60
C PHE E 48 18.77 11.61 -1.69
N GLN E 49 18.58 11.89 -0.41
CA GLN E 49 18.21 10.86 0.51
C GLN E 49 16.92 11.21 1.24
N VAL E 50 16.25 10.17 1.69
CA VAL E 50 15.29 10.32 2.79
C VAL E 50 16.06 9.86 3.99
N GLU E 51 16.27 10.77 4.95
CA GLU E 51 17.11 10.49 6.11
C GLU E 51 16.55 9.41 7.02
N VAL E 52 17.48 8.72 7.69
CA VAL E 52 17.13 7.84 8.79
C VAL E 52 16.39 8.66 9.86
N PRO E 53 15.28 8.18 10.40
CA PRO E 53 14.59 8.94 11.43
C PRO E 53 15.52 9.16 12.63
N GLY E 54 15.58 10.38 13.17
CA GLY E 54 16.49 10.66 14.27
C GLY E 54 15.95 11.76 15.15
N SER E 55 16.77 12.23 16.09
CA SER E 55 16.30 13.19 17.08
C SER E 55 16.04 14.57 16.49
N GLN E 56 16.46 14.80 15.25
CA GLN E 56 16.16 16.06 14.55
C GLN E 56 14.70 16.11 14.10
N HIS E 57 14.04 14.96 14.14
CA HIS E 57 12.68 14.82 13.64
C HIS E 57 11.69 14.90 14.78
N ILE E 58 10.56 15.58 14.57
CA ILE E 58 9.52 15.57 15.58
C ILE E 58 8.57 14.42 15.30
N ASP E 59 7.74 14.08 16.27
CA ASP E 59 6.98 12.85 16.13
C ASP E 59 6.09 12.83 14.88
N SER E 60 5.49 13.97 14.56
CA SER E 60 4.59 14.00 13.42
C SER E 60 5.31 13.69 12.10
N GLN E 61 6.63 13.84 12.06
CA GLN E 61 7.37 13.61 10.81
C GLN E 61 7.58 12.13 10.55
N LYS E 62 7.46 11.30 11.59
CA LYS E 62 7.76 9.88 11.45
C LYS E 62 6.86 9.24 10.37
N LYS E 63 5.55 9.48 10.43
CA LYS E 63 4.63 8.88 9.46
C LYS E 63 4.92 9.47 8.08
N ALA E 64 5.28 10.75 8.06
CA ALA E 64 5.53 11.40 6.79
C ALA E 64 6.81 10.91 6.16
N ILE E 65 7.84 10.59 6.95
CA ILE E 65 9.05 9.98 6.42
C ILE E 65 8.73 8.65 5.71
N GLU E 66 7.93 7.82 6.37
CA GLU E 66 7.54 6.55 5.78
C GLU E 66 6.73 6.75 4.52
N ARG E 67 5.83 7.72 4.51
CA ARG E 67 5.05 8.06 3.33
C ARG E 67 5.96 8.49 2.19
N MET E 68 6.97 9.31 2.49
CA MET E 68 7.86 9.80 1.43
C MET E 68 8.62 8.64 0.74
N LYS E 69 9.08 7.65 1.49
CA LYS E 69 9.77 6.52 0.85
C LYS E 69 8.78 5.73 -0.03
N ASP E 70 7.53 5.61 0.43
CA ASP E 70 6.47 4.94 -0.39
C ASP E 70 6.30 5.70 -1.69
N THR E 71 6.23 7.02 -1.56
CA THR E 71 6.06 7.90 -2.73
C THR E 71 7.21 7.77 -3.73
N LEU E 72 8.44 7.77 -3.23
CA LEU E 72 9.56 7.69 -4.15
C LEU E 72 9.61 6.35 -4.84
N ARG E 73 9.25 5.28 -4.14
CA ARG E 73 9.30 3.97 -4.78
C ARG E 73 8.29 3.86 -5.93
N ILE E 74 7.06 4.31 -5.70
CA ILE E 74 6.04 4.22 -6.75
C ILE E 74 6.27 5.23 -7.89
N ALA E 75 6.81 6.39 -7.55
CA ALA E 75 7.18 7.36 -8.56
C ALA E 75 8.23 6.71 -9.47
N TYR E 76 9.22 6.07 -8.85
CA TYR E 76 10.25 5.40 -9.63
C TYR E 76 9.66 4.32 -10.54
N LEU E 77 8.84 3.43 -9.97
CA LEU E 77 8.33 2.27 -10.72
C LEU E 77 7.37 2.71 -11.86
N THR E 78 6.69 3.82 -11.67
CA THR E 78 5.76 4.33 -12.69
C THR E 78 6.39 5.32 -13.65
N GLU E 79 7.67 5.62 -13.43
CA GLU E 79 8.43 6.57 -14.25
C GLU E 79 7.78 7.95 -14.25
N ALA E 80 7.19 8.32 -13.13
CA ALA E 80 6.57 9.60 -13.00
C ALA E 80 7.59 10.72 -12.97
N LYS E 81 7.27 11.80 -13.66
CA LYS E 81 8.12 12.97 -13.64
C LYS E 81 8.06 13.74 -12.33
N VAL E 82 9.23 13.88 -11.74
CA VAL E 82 9.44 14.75 -10.60
C VAL E 82 9.66 16.16 -11.12
N GLU E 83 8.82 17.08 -10.65
CA GLU E 83 9.00 18.47 -11.01
C GLU E 83 10.10 19.07 -10.13
N LYS E 84 9.86 19.17 -8.83
CA LYS E 84 10.83 19.78 -7.91
C LYS E 84 11.02 18.98 -6.66
N LEU E 85 12.19 19.10 -6.04
CA LEU E 85 12.42 18.64 -4.67
C LEU E 85 12.80 19.84 -3.81
N CYS E 86 12.25 19.90 -2.60
CA CYS E 86 12.71 20.79 -1.55
C CYS E 86 13.62 19.97 -0.69
N VAL E 87 14.86 20.40 -0.51
CA VAL E 87 15.82 19.60 0.24
C VAL E 87 16.54 20.43 1.28
N TRP E 88 17.00 19.75 2.34
CA TRP E 88 17.93 20.32 3.28
C TRP E 88 19.33 20.16 2.72
N ASN E 89 20.07 21.26 2.61
CA ASN E 89 21.40 21.19 2.01
C ASN E 89 22.52 21.17 3.06
N ASN E 90 22.17 20.96 4.33
CA ASN E 90 23.17 20.76 5.38
C ASN E 90 23.47 19.26 5.62
N LYS E 91 23.02 18.42 4.70
CA LYS E 91 23.27 17.01 4.69
C LYS E 91 23.76 16.56 3.31
N THR E 92 24.53 15.48 3.29
CA THR E 92 24.98 14.85 2.07
C THR E 92 24.65 13.36 2.13
N PRO E 93 23.90 12.82 1.17
CA PRO E 93 23.19 13.57 0.13
C PRO E 93 22.19 14.56 0.66
N HIS E 94 21.81 15.57 -0.19
CA HIS E 94 20.79 16.48 0.32
C HIS E 94 19.55 15.69 0.71
N ALA E 95 18.90 16.10 1.77
CA ALA E 95 17.81 15.37 2.39
C ALA E 95 16.47 15.91 1.95
N ILE E 96 15.61 15.03 1.47
CA ILE E 96 14.31 15.46 0.96
C ILE E 96 13.36 15.91 2.04
N ALA E 97 12.85 17.14 1.88
CA ALA E 97 11.76 17.66 2.72
C ALA E 97 10.41 17.59 2.04
N ALA E 98 10.38 17.78 0.72
CA ALA E 98 9.11 17.73 0.01
C ALA E 98 9.38 17.42 -1.45
N ILE E 99 8.37 16.89 -2.10
CA ILE E 99 8.45 16.58 -3.53
C ILE E 99 7.23 17.09 -4.28
N SER E 100 7.42 17.56 -5.53
CA SER E 100 6.26 17.87 -6.37
C SER E 100 6.37 17.05 -7.66
N MET E 101 5.24 16.50 -8.09
CA MET E 101 5.17 15.74 -9.34
C MET E 101 4.17 16.44 -10.26
N ALA E 102 4.60 16.63 -11.51
CA ALA E 102 3.76 17.21 -12.53
C ALA E 102 4.31 16.83 -13.89
N ASN E 103 3.37 16.64 -14.83
CA ASN E 103 3.60 16.60 -16.28
C ASN E 103 3.86 15.25 -16.94
#